data_5TMD
#
_entry.id   5TMD
#
_cell.length_a   59.441
_cell.length_b   83.155
_cell.length_c   99.425
_cell.angle_alpha   90.00
_cell.angle_beta   90.00
_cell.angle_gamma   90.00
#
_symmetry.space_group_name_H-M   'P 21 21 21'
#
loop_
_entity.id
_entity.type
_entity.pdbx_description
1 polymer 'Glycosyltransferase, Os79'
2 non-polymer "URIDINE-5'-DIPHOSPHATE-2-DEOXY-2-FLUORO-ALPHA-D-GLUCOSE"
3 non-polymer trichothecene
4 water water
#
_entity_poly.entity_id   1
_entity_poly.type   'polypeptide(L)'
_entity_poly.pdbx_seq_one_letter_code
;GMGSMSTPAASANGGQVLLLPFPAAQGHTNPMLQFGRRLAYHGLRPTLVTTRYVLSTTPPPGDPFRVAAISDGFDDASGM
AALPDPGEYLRTLEAHGARTLAELLLSEARAGRPARVLVYDPHLPWARRVARAAGVATAAFLSQPCAVDLIYGEVCARRL
ALPVTPTDARGLYARGVLGVELGPDDVPPFVAAPELTPAFCEQSIEQFAGLEDDDDVLVNSFSDLEPKEAAYMESTWRAK
TIGPSLPSFYLDDGRLRSNTAYGFNLFRSTVPCMEWLDKQPPRSVVLVSYGTVSTFDVAKLEELGNGLCNSGKPFLWVVR
SNEEHKLSVQLRKKCEKRGLIVPFCPQLEVLAHKATGCFLSHCGWNSTLEAIVNGVPLVAMPHWADQPTISKYVESLWGM
GVRVQLDKSGILQREEVERCIREVMDGDRKEDYRRNATRLMKKAKESMQEGGSSDKNIAEFAAKYSN
;
_entity_poly.pdbx_strand_id   A
#
loop_
_chem_comp.id
_chem_comp.type
_chem_comp.name
_chem_comp.formula
7E0 non-polymer trichothecene 'C15 H22 O2'
U2F non-polymer URIDINE-5'-DIPHOSPHATE-2-DEOXY-2-FLUORO-ALPHA-D-GLUCOSE 'C15 H23 F N2 O16 P2'
#
# COMPACT_ATOMS: atom_id res chain seq x y z
N GLN A 16 21.22 -15.71 -5.53
CA GLN A 16 19.74 -15.62 -5.36
C GLN A 16 19.21 -14.55 -4.33
N VAL A 17 18.20 -13.79 -4.71
CA VAL A 17 17.55 -12.81 -3.79
C VAL A 17 16.15 -13.29 -3.53
N LEU A 18 15.84 -13.56 -2.25
CA LEU A 18 14.53 -14.03 -1.89
C LEU A 18 13.65 -12.86 -1.49
N LEU A 19 12.43 -12.86 -1.98
CA LEU A 19 11.53 -11.81 -1.67
C LEU A 19 10.28 -12.34 -0.98
N LEU A 20 10.01 -11.85 0.21
CA LEU A 20 9.00 -12.47 1.04
C LEU A 20 8.04 -11.42 1.53
N PRO A 21 6.99 -11.17 0.73
CA PRO A 21 5.96 -10.26 1.19
C PRO A 21 5.02 -10.91 2.20
N PHE A 22 4.20 -10.11 2.88
CA PHE A 22 3.07 -10.66 3.58
C PHE A 22 2.21 -11.38 2.56
N PRO A 23 1.92 -12.62 2.85
CA PRO A 23 1.30 -13.54 1.91
C PRO A 23 -0.15 -13.25 1.65
N ALA A 24 -0.52 -13.24 0.38
CA ALA A 24 -1.89 -12.94 0.00
C ALA A 24 -2.14 -11.47 -0.16
N ALA A 25 -1.42 -10.65 0.58
CA ALA A 25 -1.67 -9.22 0.63
C ALA A 25 -1.13 -8.40 -0.56
N GLN A 26 -1.90 -8.35 -1.64
CA GLN A 26 -1.49 -7.68 -2.89
C GLN A 26 -0.83 -6.30 -2.74
N GLY A 27 -1.17 -5.59 -1.66
CA GLY A 27 -0.50 -4.34 -1.27
C GLY A 27 0.92 -4.51 -0.72
N HIS A 28 1.33 -5.74 -0.51
CA HIS A 28 2.70 -6.01 -0.10
C HIS A 28 3.48 -6.57 -1.28
N THR A 29 2.74 -7.30 -2.17
CA THR A 29 3.47 -8.13 -3.14
C THR A 29 3.93 -7.44 -4.41
N ASN A 30 3.07 -6.59 -5.02
CA ASN A 30 3.41 -5.82 -6.22
C ASN A 30 4.67 -4.97 -6.04
N PRO A 31 4.71 -4.15 -5.01
CA PRO A 31 5.88 -3.28 -4.79
C PRO A 31 7.18 -4.06 -4.68
N MET A 32 7.15 -5.17 -3.96
CA MET A 32 8.31 -6.00 -3.76
C MET A 32 8.70 -6.66 -5.04
N LEU A 33 7.71 -7.06 -5.85
CA LEU A 33 8.03 -7.58 -7.15
C LEU A 33 8.67 -6.58 -8.07
N GLN A 34 8.17 -5.35 -8.05
CA GLN A 34 8.81 -4.31 -8.82
C GLN A 34 10.19 -3.97 -8.39
N PHE A 35 10.45 -3.99 -7.10
CA PHE A 35 11.82 -3.79 -6.64
C PHE A 35 12.64 -4.96 -7.21
N GLY A 36 12.13 -6.19 -7.10
CA GLY A 36 12.85 -7.35 -7.69
C GLY A 36 13.18 -7.26 -9.20
N ARG A 37 12.28 -6.73 -10.04
CA ARG A 37 12.57 -6.47 -11.46
C ARG A 37 13.72 -5.53 -11.61
N ARG A 38 13.82 -4.53 -10.74
CA ARG A 38 14.99 -3.66 -10.87
C ARG A 38 16.27 -4.34 -10.41
N LEU A 39 16.17 -5.18 -9.41
CA LEU A 39 17.33 -6.03 -9.07
C LEU A 39 17.75 -6.90 -10.26
N ALA A 40 16.79 -7.48 -10.96
CA ALA A 40 17.10 -8.33 -12.12
C ALA A 40 17.75 -7.50 -13.24
N TYR A 41 17.26 -6.29 -13.47
CA TYR A 41 17.91 -5.39 -14.40
C TYR A 41 19.38 -5.19 -14.09
N HIS A 42 19.74 -5.17 -12.81
CA HIS A 42 21.15 -5.04 -12.46
C HIS A 42 21.90 -6.35 -12.39
N GLY A 43 21.27 -7.45 -12.74
CA GLY A 43 21.95 -8.71 -12.84
C GLY A 43 21.64 -9.71 -11.72
N LEU A 44 20.89 -9.31 -10.68
CA LEU A 44 20.53 -10.27 -9.58
C LEU A 44 19.45 -11.25 -10.02
N ARG A 45 19.20 -12.32 -9.30
CA ARG A 45 18.15 -13.27 -9.70
C ARG A 45 17.14 -13.35 -8.59
N PRO A 46 15.92 -12.86 -8.84
CA PRO A 46 14.98 -12.81 -7.75
C PRO A 46 14.06 -14.04 -7.71
N THR A 47 13.63 -14.40 -6.50
CA THR A 47 12.67 -15.49 -6.27
C THR A 47 11.56 -14.97 -5.38
N LEU A 48 10.30 -15.07 -5.82
CA LEU A 48 9.20 -14.78 -4.95
C LEU A 48 8.91 -15.96 -4.01
N VAL A 49 8.90 -15.71 -2.71
CA VAL A 49 8.55 -16.69 -1.72
C VAL A 49 7.13 -16.42 -1.21
N THR A 50 6.31 -17.44 -1.27
CA THR A 50 4.92 -17.29 -0.97
C THR A 50 4.39 -18.63 -0.41
N THR A 51 3.16 -18.63 0.08
CA THR A 51 2.56 -19.82 0.65
C THR A 51 2.14 -20.83 -0.40
N ARG A 52 2.07 -22.09 0.04
CA ARG A 52 1.71 -23.19 -0.87
C ARG A 52 0.33 -22.94 -1.39
N TYR A 53 -0.55 -22.46 -0.53
CA TYR A 53 -1.90 -22.19 -0.96
C TYR A 53 -1.95 -21.18 -2.10
N VAL A 54 -1.38 -20.00 -1.87
CA VAL A 54 -1.37 -18.95 -2.87
C VAL A 54 -0.70 -19.47 -4.14
N LEU A 55 0.37 -20.24 -4.03
CA LEU A 55 0.99 -20.81 -5.25
C LEU A 55 0.00 -21.66 -6.04
N SER A 56 -0.49 -22.73 -5.42
CA SER A 56 -1.55 -23.58 -6.01
C SER A 56 -2.71 -22.77 -6.65
N THR A 57 -3.06 -21.62 -6.09
CA THR A 57 -4.26 -20.88 -6.49
C THR A 57 -4.02 -19.50 -7.18
N THR A 58 -2.92 -19.39 -7.93
CA THR A 58 -2.46 -18.11 -8.51
C THR A 58 -1.43 -18.48 -9.58
N PRO A 59 -1.41 -17.74 -10.70
CA PRO A 59 -0.35 -18.05 -11.68
C PRO A 59 0.98 -17.49 -11.18
N PRO A 60 2.10 -18.07 -11.61
CA PRO A 60 3.32 -17.47 -11.11
C PRO A 60 3.58 -16.11 -11.81
N PRO A 61 4.52 -15.29 -11.26
CA PRO A 61 4.87 -13.97 -11.77
C PRO A 61 5.56 -14.01 -13.08
N GLY A 62 6.37 -15.03 -13.27
CA GLY A 62 7.07 -15.25 -14.52
C GLY A 62 8.41 -14.57 -14.48
N ASP A 63 9.05 -14.60 -15.63
CA ASP A 63 10.41 -14.15 -15.80
C ASP A 63 10.49 -12.69 -15.36
N PRO A 64 11.55 -12.26 -14.69
CA PRO A 64 12.71 -13.04 -14.36
C PRO A 64 12.64 -13.75 -13.02
N PHE A 65 11.45 -13.96 -12.46
CA PHE A 65 11.34 -14.53 -11.13
C PHE A 65 11.25 -16.04 -11.14
N ARG A 66 12.04 -16.66 -10.25
CA ARG A 66 11.67 -17.99 -9.72
C ARG A 66 10.65 -17.85 -8.62
N VAL A 67 9.94 -18.93 -8.27
CA VAL A 67 9.02 -18.98 -7.12
C VAL A 67 9.37 -20.12 -6.17
N ALA A 68 9.08 -19.94 -4.90
CA ALA A 68 9.35 -20.97 -3.92
C ALA A 68 8.26 -20.85 -2.92
N ALA A 69 8.10 -21.87 -2.09
CA ALA A 69 6.93 -21.85 -1.23
C ALA A 69 7.29 -22.14 0.20
N ILE A 70 6.49 -21.58 1.10
CA ILE A 70 6.49 -21.90 2.51
C ILE A 70 5.04 -22.19 2.87
N SER A 71 4.76 -22.56 4.13
CA SER A 71 3.39 -22.85 4.55
C SER A 71 2.99 -22.04 5.75
N ASP A 72 1.77 -21.55 5.69
CA ASP A 72 1.18 -20.90 6.84
C ASP A 72 0.30 -21.86 7.63
N GLY A 73 0.37 -23.16 7.33
CA GLY A 73 -0.52 -24.17 7.94
C GLY A 73 -1.71 -24.60 7.07
N PHE A 74 -2.12 -23.75 6.13
CA PHE A 74 -3.31 -23.98 5.32
C PHE A 74 -2.92 -24.00 3.88
N ASP A 75 -2.35 -25.14 3.47
CA ASP A 75 -1.84 -25.32 2.12
C ASP A 75 -2.92 -25.60 1.11
N ASP A 76 -4.10 -26.01 1.60
CA ASP A 76 -5.28 -26.34 0.79
C ASP A 76 -6.39 -25.31 0.90
N ALA A 77 -6.66 -24.82 2.11
CA ALA A 77 -7.67 -23.77 2.34
C ALA A 77 -6.98 -22.43 2.55
N SER A 78 -7.72 -21.33 2.40
CA SER A 78 -7.23 -20.02 2.89
C SER A 78 -7.25 -20.02 4.41
N GLY A 79 -6.08 -19.84 5.00
CA GLY A 79 -5.93 -19.78 6.45
C GLY A 79 -6.52 -18.53 7.07
N MET A 80 -6.51 -17.43 6.32
CA MET A 80 -7.10 -16.18 6.78
C MET A 80 -8.61 -16.36 6.93
N ALA A 81 -9.23 -16.93 5.91
CA ALA A 81 -10.64 -17.30 5.95
C ALA A 81 -10.93 -18.26 7.11
N ALA A 82 -10.09 -19.28 7.25
CA ALA A 82 -10.25 -20.28 8.32
C ALA A 82 -10.11 -19.65 9.71
N LEU A 83 -9.12 -18.76 9.88
CA LEU A 83 -8.84 -18.14 11.18
C LEU A 83 -9.07 -16.64 11.11
N PRO A 84 -10.34 -16.22 11.16
CA PRO A 84 -10.62 -14.80 10.96
C PRO A 84 -10.07 -13.93 12.10
N ASP A 85 -9.95 -14.47 13.31
CA ASP A 85 -9.23 -13.78 14.38
C ASP A 85 -7.77 -13.55 13.94
N PRO A 86 -7.33 -12.27 13.88
CA PRO A 86 -6.03 -11.95 13.28
C PRO A 86 -4.82 -12.40 14.11
N GLY A 87 -4.88 -12.24 15.42
CA GLY A 87 -3.84 -12.77 16.30
C GLY A 87 -3.66 -14.26 16.07
N GLU A 88 -4.76 -14.96 15.83
CA GLU A 88 -4.71 -16.39 15.72
C GLU A 88 -4.00 -16.81 14.41
N TYR A 89 -4.42 -16.21 13.32
CA TYR A 89 -3.74 -16.39 12.08
C TYR A 89 -2.20 -16.11 12.16
N LEU A 90 -1.83 -14.95 12.70
CA LEU A 90 -0.44 -14.53 12.74
C LEU A 90 0.36 -15.57 13.51
N ARG A 91 -0.21 -16.07 14.59
CA ARG A 91 0.45 -17.05 15.41
C ARG A 91 0.77 -18.33 14.68
N THR A 92 -0.12 -18.72 13.81
CA THR A 92 -0.01 -19.94 13.00
C THR A 92 0.91 -19.75 11.81
N LEU A 93 0.76 -18.61 11.13
CA LEU A 93 1.74 -18.21 10.14
C LEU A 93 3.18 -18.22 10.72
N GLU A 94 3.34 -17.78 11.96
CA GLU A 94 4.68 -17.71 12.51
C GLU A 94 5.27 -19.12 12.77
N ALA A 95 4.47 -20.00 13.37
CA ALA A 95 4.92 -21.33 13.73
C ALA A 95 5.31 -22.12 12.47
N HIS A 96 4.40 -22.14 11.49
CA HIS A 96 4.60 -22.85 10.26
C HIS A 96 5.50 -22.14 9.24
N GLY A 97 5.34 -20.82 9.14
CA GLY A 97 6.19 -20.06 8.24
C GLY A 97 7.66 -20.15 8.67
N ALA A 98 7.92 -20.01 9.94
CA ALA A 98 9.32 -19.98 10.41
C ALA A 98 10.00 -21.33 10.18
N ARG A 99 9.26 -22.40 10.43
CA ARG A 99 9.78 -23.71 10.20
C ARG A 99 10.01 -23.96 8.72
N THR A 100 9.02 -23.69 7.90
CA THR A 100 9.14 -23.95 6.46
C THR A 100 10.10 -22.97 5.76
N LEU A 101 10.22 -21.75 6.26
CA LEU A 101 11.26 -20.88 5.72
C LEU A 101 12.69 -21.38 6.03
N ALA A 102 12.94 -21.82 7.26
CA ALA A 102 14.19 -22.48 7.59
C ALA A 102 14.48 -23.67 6.63
N GLU A 103 13.46 -24.47 6.37
CA GLU A 103 13.64 -25.64 5.50
C GLU A 103 13.99 -25.19 4.09
N LEU A 104 13.36 -24.10 3.65
CA LEU A 104 13.56 -23.60 2.33
C LEU A 104 14.92 -23.01 2.21
N LEU A 105 15.38 -22.29 3.23
CA LEU A 105 16.73 -21.76 3.10
C LEU A 105 17.79 -22.90 2.94
N LEU A 106 17.61 -23.97 3.70
CA LEU A 106 18.48 -25.13 3.49
C LEU A 106 18.24 -25.82 2.15
N SER A 107 17.00 -26.11 1.80
CA SER A 107 16.83 -26.84 0.50
C SER A 107 17.40 -26.04 -0.67
N GLU A 108 17.22 -24.72 -0.64
CA GLU A 108 17.81 -23.86 -1.66
C GLU A 108 19.31 -23.89 -1.70
N ALA A 109 19.98 -23.79 -0.56
CA ALA A 109 21.45 -23.96 -0.57
C ALA A 109 21.88 -25.35 -1.13
N ARG A 110 21.11 -26.37 -0.81
CA ARG A 110 21.47 -27.72 -1.23
C ARG A 110 21.26 -27.91 -2.74
N ALA A 111 20.28 -27.20 -3.32
CA ALA A 111 20.06 -27.22 -4.75
C ALA A 111 21.09 -26.34 -5.46
N GLY A 112 22.11 -25.84 -4.77
CA GLY A 112 23.06 -24.93 -5.43
C GLY A 112 22.57 -23.50 -5.63
N ARG A 113 21.45 -23.11 -5.00
CA ARG A 113 20.98 -21.69 -5.01
C ARG A 113 20.92 -21.10 -3.60
N PRO A 114 22.08 -20.87 -2.99
CA PRO A 114 22.16 -20.32 -1.63
C PRO A 114 21.66 -18.86 -1.59
N ALA A 115 20.78 -18.51 -0.64
CA ALA A 115 20.18 -17.14 -0.67
C ALA A 115 21.24 -16.11 -0.34
N ARG A 116 21.48 -15.16 -1.22
CA ARG A 116 22.40 -14.04 -0.94
C ARG A 116 21.76 -13.04 0.05
N VAL A 117 20.46 -12.80 -0.07
CA VAL A 117 19.79 -11.88 0.87
C VAL A 117 18.32 -12.23 0.83
N LEU A 118 17.67 -12.07 1.97
CA LEU A 118 16.24 -12.17 2.10
C LEU A 118 15.68 -10.74 2.33
N VAL A 119 14.87 -10.29 1.39
CA VAL A 119 14.11 -9.09 1.46
C VAL A 119 12.73 -9.44 1.98
N TYR A 120 12.35 -8.89 3.12
CA TYR A 120 11.17 -9.40 3.76
C TYR A 120 10.31 -8.26 4.29
N ASP A 121 9.00 -8.49 4.35
CA ASP A 121 8.08 -7.61 4.99
C ASP A 121 8.18 -7.75 6.51
N PRO A 122 8.50 -6.68 7.20
CA PRO A 122 8.71 -6.85 8.63
C PRO A 122 7.40 -6.94 9.41
N HIS A 123 6.25 -6.94 8.74
CA HIS A 123 5.10 -7.53 9.37
C HIS A 123 5.27 -9.01 9.60
N LEU A 124 6.33 -9.63 9.03
CA LEU A 124 6.79 -10.98 9.38
C LEU A 124 8.08 -10.96 10.18
N PRO A 125 8.03 -10.49 11.41
CA PRO A 125 9.26 -10.28 12.17
C PRO A 125 10.14 -11.51 12.29
N TRP A 126 9.50 -12.69 12.46
CA TRP A 126 10.21 -13.98 12.52
C TRP A 126 11.11 -14.32 11.35
N ALA A 127 10.82 -13.77 10.17
CA ALA A 127 11.64 -14.01 8.96
C ALA A 127 13.08 -13.62 9.18
N ARG A 128 13.28 -12.56 9.92
CA ARG A 128 14.59 -12.08 10.17
C ARG A 128 15.44 -13.11 10.91
N ARG A 129 14.92 -13.61 12.03
CA ARG A 129 15.69 -14.52 12.86
C ARG A 129 16.03 -15.81 12.18
N VAL A 130 15.11 -16.33 11.41
CA VAL A 130 15.36 -17.51 10.60
C VAL A 130 16.45 -17.32 9.55
N ALA A 131 16.39 -16.24 8.79
CA ALA A 131 17.45 -15.94 7.82
C ALA A 131 18.85 -15.74 8.45
N ARG A 132 18.86 -14.99 9.52
CA ARG A 132 20.06 -14.65 10.29
C ARG A 132 20.67 -15.97 10.83
N ALA A 133 19.87 -16.81 11.49
CA ALA A 133 20.35 -18.15 11.96
C ALA A 133 20.82 -19.07 10.82
N ALA A 134 20.26 -18.90 9.63
CA ALA A 134 20.77 -19.62 8.45
C ALA A 134 21.93 -18.90 7.77
N GLY A 135 22.41 -17.81 8.33
CA GLY A 135 23.56 -17.10 7.73
C GLY A 135 23.26 -16.17 6.53
N VAL A 136 21.99 -15.82 6.33
CA VAL A 136 21.53 -15.08 5.15
C VAL A 136 21.32 -13.61 5.56
N ALA A 137 21.95 -12.71 4.81
CA ALA A 137 21.70 -11.27 4.96
C ALA A 137 20.21 -10.90 4.83
N THR A 138 19.80 -9.87 5.54
CA THR A 138 18.38 -9.48 5.60
C THR A 138 18.16 -8.01 5.27
N ALA A 139 17.06 -7.74 4.56
CA ALA A 139 16.69 -6.39 4.11
C ALA A 139 15.19 -6.23 4.40
N ALA A 140 14.87 -5.41 5.37
CA ALA A 140 13.48 -5.17 5.65
C ALA A 140 12.88 -4.32 4.54
N PHE A 141 11.64 -4.61 4.18
CA PHE A 141 10.94 -3.85 3.14
C PHE A 141 9.63 -3.30 3.68
N LEU A 142 9.62 -2.01 4.00
CA LEU A 142 8.45 -1.32 4.55
C LEU A 142 7.59 -0.85 3.43
N SER A 143 6.34 -1.26 3.47
CA SER A 143 5.46 -0.93 2.44
C SER A 143 4.46 0.16 2.88
N GLN A 144 4.75 0.91 3.93
CA GLN A 144 3.88 2.03 4.37
C GLN A 144 4.67 3.33 4.39
N PRO A 145 3.96 4.46 4.43
CA PRO A 145 4.73 5.71 4.35
C PRO A 145 5.65 5.95 5.55
N CYS A 146 6.74 6.64 5.30
CA CYS A 146 7.60 7.09 6.37
C CYS A 146 6.89 7.73 7.59
N ALA A 147 5.89 8.52 7.34
CA ALA A 147 5.23 9.26 8.42
C ALA A 147 4.61 8.27 9.42
N VAL A 148 4.04 7.19 8.94
CA VAL A 148 3.41 6.22 9.82
C VAL A 148 4.47 5.30 10.40
N ASP A 149 5.41 4.90 9.57
CA ASP A 149 6.47 4.02 9.98
C ASP A 149 7.16 4.60 11.22
N LEU A 150 7.50 5.85 11.15
CA LEU A 150 8.33 6.39 12.16
C LEU A 150 7.60 6.47 13.51
N ILE A 151 6.30 6.65 13.49
CA ILE A 151 5.50 6.75 14.72
C ILE A 151 5.53 5.38 15.41
N TYR A 152 5.25 4.33 14.64
CA TYR A 152 5.41 2.98 15.16
C TYR A 152 6.81 2.76 15.74
N GLY A 153 7.81 3.27 15.03
CA GLY A 153 9.21 3.15 15.43
C GLY A 153 9.50 3.78 16.77
N GLU A 154 8.90 4.94 17.00
CA GLU A 154 9.05 5.69 18.22
C GLU A 154 8.47 4.91 19.42
N VAL A 155 7.40 4.16 19.16
CA VAL A 155 6.78 3.32 20.19
C VAL A 155 7.66 2.12 20.46
N CYS A 156 8.13 1.47 19.40
CA CYS A 156 8.97 0.32 19.56
C CYS A 156 10.23 0.71 20.34
N ALA A 157 10.80 1.88 20.08
CA ALA A 157 12.02 2.33 20.73
C ALA A 157 11.76 2.86 22.15
N ARG A 158 10.54 2.77 22.66
CA ARG A 158 10.19 3.27 24.00
C ARG A 158 10.47 4.75 24.23
N ARG A 159 10.45 5.52 23.16
CA ARG A 159 10.46 6.97 23.22
C ARG A 159 9.04 7.58 23.30
N LEU A 160 8.02 6.80 22.88
CA LEU A 160 6.59 7.17 23.09
C LEU A 160 5.83 6.02 23.73
N ALA A 161 5.00 6.34 24.71
CA ALA A 161 4.13 5.37 25.37
C ALA A 161 2.84 5.13 24.52
N LEU A 162 2.22 3.96 24.73
CA LEU A 162 0.85 3.72 24.23
C LEU A 162 -0.17 4.19 25.27
N PRO A 163 -1.25 4.87 24.88
CA PRO A 163 -1.49 5.23 23.46
C PRO A 163 -0.77 6.51 23.01
N VAL A 164 -0.44 6.57 21.73
CA VAL A 164 0.08 7.78 21.11
C VAL A 164 -1.03 8.81 20.99
N THR A 165 -0.75 10.08 21.27
CA THR A 165 -1.80 11.14 21.29
C THR A 165 -1.45 12.20 20.30
N PRO A 166 -2.43 13.06 19.98
CA PRO A 166 -2.12 14.22 19.16
C PRO A 166 -1.03 15.09 19.76
N THR A 167 -0.97 15.19 21.10
CA THR A 167 0.15 15.86 21.78
C THR A 167 1.54 15.32 21.44
N ASP A 168 1.75 14.00 21.48
CA ASP A 168 2.99 13.37 20.97
C ASP A 168 3.25 13.74 19.52
N ALA A 169 2.21 13.70 18.70
CA ALA A 169 2.36 14.05 17.27
C ALA A 169 2.81 15.49 17.06
N ARG A 170 2.26 16.35 17.89
CA ARG A 170 2.64 17.77 17.84
C ARG A 170 4.08 17.99 18.24
N GLY A 171 4.60 17.18 19.18
CA GLY A 171 6.05 17.25 19.52
C GLY A 171 6.91 16.86 18.29
N LEU A 172 6.50 15.78 17.63
CA LEU A 172 7.19 15.34 16.38
C LEU A 172 7.14 16.38 15.30
N TYR A 173 6.01 17.01 15.13
CA TYR A 173 5.95 18.12 14.19
C TYR A 173 6.85 19.27 14.67
N ALA A 174 6.75 19.64 15.94
CA ALA A 174 7.60 20.76 16.46
C ALA A 174 9.08 20.43 16.35
N ARG A 175 9.44 19.15 16.47
CA ARG A 175 10.85 18.81 16.27
C ARG A 175 11.29 18.71 14.83
N GLY A 176 10.40 18.91 13.88
CA GLY A 176 10.80 18.82 12.47
C GLY A 176 10.92 17.42 11.90
N VAL A 177 10.23 16.47 12.53
CA VAL A 177 10.30 15.07 12.16
C VAL A 177 9.05 14.76 11.28
N LEU A 178 7.89 15.23 11.67
CA LEU A 178 6.67 15.13 10.86
C LEU A 178 6.40 16.46 10.26
N GLY A 179 5.91 16.48 9.03
CA GLY A 179 5.73 17.74 8.28
C GLY A 179 4.32 18.35 8.41
N VAL A 180 3.48 17.65 9.14
CA VAL A 180 2.09 18.00 9.39
C VAL A 180 1.76 17.67 10.84
N GLU A 181 0.87 18.47 11.39
CA GLU A 181 0.33 18.26 12.72
C GLU A 181 -0.89 17.36 12.69
N LEU A 182 -0.81 16.20 13.30
CA LEU A 182 -1.87 15.22 13.22
C LEU A 182 -2.85 15.43 14.39
N GLY A 183 -4.13 15.55 14.09
CA GLY A 183 -5.17 15.63 15.09
C GLY A 183 -5.63 14.24 15.45
N PRO A 184 -6.71 14.16 16.23
CA PRO A 184 -7.18 12.85 16.65
C PRO A 184 -7.67 11.94 15.57
N ASP A 185 -8.17 12.50 14.49
CA ASP A 185 -8.57 11.62 13.36
C ASP A 185 -7.46 11.29 12.37
N ASP A 186 -6.28 11.82 12.59
CA ASP A 186 -5.14 11.66 11.75
C ASP A 186 -4.03 10.78 12.30
N VAL A 187 -3.96 10.65 13.63
CA VAL A 187 -3.01 9.71 14.22
C VAL A 187 -3.32 8.27 13.84
N PRO A 188 -2.32 7.43 13.70
CA PRO A 188 -2.61 6.06 13.26
C PRO A 188 -3.36 5.24 14.35
N PRO A 189 -4.58 4.77 14.07
CA PRO A 189 -5.43 4.23 15.13
C PRO A 189 -4.88 2.99 15.83
N PHE A 190 -4.00 2.23 15.16
CA PHE A 190 -3.42 1.03 15.75
C PHE A 190 -2.59 1.35 17.00
N VAL A 191 -2.08 2.58 17.10
CA VAL A 191 -1.35 2.98 18.29
C VAL A 191 -2.04 4.11 19.03
N ALA A 192 -2.98 4.81 18.40
CA ALA A 192 -3.75 5.83 19.10
C ALA A 192 -4.96 5.21 19.83
N ALA A 193 -5.43 4.05 19.37
CA ALA A 193 -6.59 3.37 19.95
C ALA A 193 -6.32 1.87 19.90
N PRO A 194 -5.26 1.46 20.56
CA PRO A 194 -4.77 0.09 20.51
C PRO A 194 -5.77 -1.01 20.95
N GLU A 195 -6.64 -0.65 21.88
CA GLU A 195 -7.71 -1.54 22.37
C GLU A 195 -8.57 -2.05 21.26
N LEU A 196 -8.82 -1.23 20.25
CA LEU A 196 -9.66 -1.71 19.18
C LEU A 196 -8.98 -2.90 18.44
N THR A 197 -7.67 -2.90 18.33
CA THR A 197 -7.01 -3.91 17.45
C THR A 197 -5.69 -4.36 18.04
N PRO A 198 -5.76 -5.24 19.07
CA PRO A 198 -4.56 -5.60 19.84
C PRO A 198 -3.51 -6.27 18.98
N ALA A 199 -3.90 -7.20 18.14
CA ALA A 199 -2.90 -7.92 17.32
C ALA A 199 -2.20 -6.98 16.31
N PHE A 200 -2.94 -6.04 15.75
CA PHE A 200 -2.41 -5.13 14.71
C PHE A 200 -1.52 -4.05 15.31
N CYS A 201 -1.84 -3.62 16.53
CA CYS A 201 -0.95 -2.80 17.32
C CYS A 201 0.42 -3.44 17.50
N GLU A 202 0.40 -4.67 17.99
CA GLU A 202 1.64 -5.41 18.26
C GLU A 202 2.39 -5.67 16.98
N GLN A 203 1.69 -6.07 15.94
CA GLN A 203 2.35 -6.32 14.65
C GLN A 203 3.04 -5.02 14.12
N SER A 204 2.30 -3.92 14.13
CA SER A 204 2.78 -2.58 13.69
C SER A 204 4.06 -2.17 14.41
N ILE A 205 4.06 -2.33 15.73
CA ILE A 205 5.21 -2.04 16.56
C ILE A 205 6.36 -3.03 16.43
N GLU A 206 6.04 -4.31 16.35
CA GLU A 206 7.09 -5.35 16.30
C GLU A 206 7.82 -5.34 14.97
N GLN A 207 7.29 -4.66 13.96
CA GLN A 207 8.09 -4.41 12.77
C GLN A 207 9.45 -3.92 13.13
N PHE A 208 9.51 -3.09 14.15
CA PHE A 208 10.76 -2.42 14.44
C PHE A 208 11.67 -3.09 15.42
N ALA A 209 11.20 -4.21 15.97
CA ALA A 209 11.98 -4.91 17.01
C ALA A 209 13.10 -5.77 16.38
N GLY A 210 14.34 -5.41 16.58
CA GLY A 210 15.41 -6.12 15.90
C GLY A 210 15.80 -5.58 14.54
N LEU A 211 15.15 -4.49 14.10
CA LEU A 211 15.41 -3.90 12.78
C LEU A 211 16.84 -3.44 12.62
N GLU A 212 17.41 -2.95 13.72
CA GLU A 212 18.76 -2.51 13.73
C GLU A 212 19.74 -3.62 13.44
N ASP A 213 19.35 -4.87 13.57
CA ASP A 213 20.25 -5.99 13.19
C ASP A 213 20.23 -6.31 11.70
N ASP A 214 19.26 -5.74 10.99
CA ASP A 214 19.21 -5.91 9.53
C ASP A 214 20.41 -5.31 8.80
N ASP A 215 20.81 -5.94 7.68
CA ASP A 215 21.82 -5.38 6.80
C ASP A 215 21.33 -4.13 6.07
N ASP A 216 20.07 -4.15 5.62
CA ASP A 216 19.47 -2.97 5.00
C ASP A 216 18.03 -2.85 5.45
N VAL A 217 17.56 -1.62 5.38
CA VAL A 217 16.18 -1.30 5.61
C VAL A 217 15.71 -0.40 4.45
N LEU A 218 14.55 -0.72 3.86
CA LEU A 218 14.09 -0.12 2.63
C LEU A 218 12.65 0.32 2.82
N VAL A 219 12.26 1.42 2.20
CA VAL A 219 10.89 1.87 2.28
C VAL A 219 10.36 2.32 0.93
N ASN A 220 9.16 1.86 0.63
CA ASN A 220 8.50 2.20 -0.61
C ASN A 220 7.87 3.60 -0.56
N SER A 221 8.71 4.61 -0.70
CA SER A 221 8.31 5.98 -0.79
C SER A 221 9.39 6.76 -1.55
N PHE A 222 9.22 8.09 -1.64
CA PHE A 222 10.30 8.88 -2.14
C PHE A 222 10.45 10.09 -1.32
N SER A 223 11.70 10.54 -1.20
CA SER A 223 12.01 11.57 -0.23
C SER A 223 11.45 12.93 -0.55
N ASP A 224 11.26 13.29 -1.79
CA ASP A 224 10.63 14.55 -2.05
C ASP A 224 9.16 14.58 -1.55
N LEU A 225 8.51 13.45 -1.50
CA LEU A 225 7.14 13.42 -1.01
C LEU A 225 7.05 13.66 0.47
N GLU A 226 7.94 13.00 1.23
CA GLU A 226 7.89 13.22 2.71
C GLU A 226 9.28 13.52 3.24
N PRO A 227 9.71 14.75 3.02
CA PRO A 227 11.10 14.95 3.18
C PRO A 227 11.59 14.84 4.60
N LYS A 228 10.90 15.43 5.55
CA LYS A 228 11.33 15.31 6.95
C LYS A 228 11.24 13.88 7.52
N GLU A 229 10.19 13.19 7.09
CA GLU A 229 9.90 11.85 7.55
C GLU A 229 10.88 10.86 6.96
N ALA A 230 11.17 10.98 5.68
CA ALA A 230 12.19 10.14 5.09
C ALA A 230 13.55 10.45 5.65
N ALA A 231 13.85 11.70 5.88
CA ALA A 231 15.19 12.01 6.46
C ALA A 231 15.37 11.37 7.86
N TYR A 232 14.33 11.43 8.69
CA TYR A 232 14.35 10.86 10.02
C TYR A 232 14.43 9.32 10.00
N MET A 233 13.71 8.70 9.08
CA MET A 233 13.73 7.27 9.00
C MET A 233 15.12 6.79 8.63
N GLU A 234 15.79 7.55 7.77
CA GLU A 234 17.12 7.23 7.37
C GLU A 234 18.13 7.40 8.49
N SER A 235 18.09 8.51 9.20
CA SER A 235 19.10 8.72 10.26
C SER A 235 18.78 7.89 11.48
N THR A 236 17.53 7.51 11.71
CA THR A 236 17.17 6.73 12.89
C THR A 236 17.26 5.21 12.57
N TRP A 237 16.77 4.76 11.42
CA TRP A 237 16.63 3.34 11.19
C TRP A 237 17.43 2.85 9.95
N ARG A 238 18.19 3.73 9.33
CA ARG A 238 18.94 3.49 8.08
C ARG A 238 18.03 3.20 6.91
N ALA A 239 16.76 3.61 7.01
CA ALA A 239 15.79 3.34 5.94
C ALA A 239 16.12 4.11 4.68
N LYS A 240 16.20 3.42 3.54
CA LYS A 240 16.43 4.06 2.22
C LYS A 240 15.20 3.98 1.35
N THR A 241 14.77 5.12 0.82
CA THR A 241 13.61 5.19 -0.04
C THR A 241 13.94 4.51 -1.38
N ILE A 242 13.07 3.60 -1.82
CA ILE A 242 13.24 2.89 -3.08
C ILE A 242 12.03 2.90 -4.01
N GLY A 243 11.16 3.88 -3.79
CA GLY A 243 9.89 3.97 -4.48
C GLY A 243 9.65 5.31 -5.17
N PRO A 244 8.48 5.48 -5.81
CA PRO A 244 7.40 4.47 -5.82
C PRO A 244 7.76 3.17 -6.63
N SER A 245 7.55 2.01 -6.03
CA SER A 245 7.96 0.73 -6.64
C SER A 245 6.82 0.24 -7.58
N LEU A 246 6.80 0.84 -8.75
CA LEU A 246 5.79 0.61 -9.77
C LEU A 246 6.41 0.23 -11.08
N PRO A 247 5.63 -0.29 -12.01
CA PRO A 247 6.21 -0.61 -13.30
C PRO A 247 6.85 0.60 -13.95
N SER A 248 8.00 0.37 -14.53
CA SER A 248 8.80 1.41 -15.09
C SER A 248 8.12 2.23 -16.17
N PHE A 249 7.23 1.62 -16.93
CA PHE A 249 6.45 2.35 -17.89
C PHE A 249 5.67 3.55 -17.32
N TYR A 250 5.01 3.37 -16.20
CA TYR A 250 4.26 4.46 -15.55
C TYR A 250 5.11 5.55 -14.99
N LEU A 251 6.37 5.22 -14.70
CA LEU A 251 7.39 6.15 -14.22
C LEU A 251 8.18 6.82 -15.32
N ASP A 252 7.77 6.63 -16.59
CA ASP A 252 8.49 7.14 -17.77
C ASP A 252 9.94 6.79 -17.76
N ASP A 253 10.24 5.58 -17.37
CA ASP A 253 11.62 5.13 -17.29
C ASP A 253 11.88 4.16 -18.43
N GLY A 254 12.47 4.68 -19.51
CA GLY A 254 12.93 3.90 -20.67
C GLY A 254 13.74 2.60 -20.48
N ARG A 255 14.72 2.58 -19.57
CA ARG A 255 15.62 1.42 -19.50
C ARG A 255 14.98 0.22 -18.83
N PHE A 267 0.85 -2.49 -20.76
CA PHE A 267 0.59 -1.24 -21.49
C PHE A 267 -0.93 -0.99 -21.74
N ARG A 268 -1.50 -1.71 -22.69
CA ARG A 268 -2.86 -1.53 -23.10
C ARG A 268 -3.47 -2.91 -23.08
N SER A 269 -4.48 -3.12 -22.25
CA SER A 269 -5.05 -4.44 -22.08
C SER A 269 -6.39 -4.58 -22.87
N THR A 270 -7.01 -5.74 -22.77
CA THR A 270 -8.29 -5.98 -23.38
C THR A 270 -9.41 -5.99 -22.34
N VAL A 271 -9.10 -5.61 -21.11
CA VAL A 271 -10.11 -5.70 -20.07
C VAL A 271 -11.38 -4.88 -20.49
N PRO A 272 -12.61 -5.48 -20.40
CA PRO A 272 -13.81 -4.73 -20.80
C PRO A 272 -14.01 -3.36 -20.18
N CYS A 273 -13.70 -3.18 -18.90
CA CYS A 273 -13.94 -1.85 -18.30
C CYS A 273 -13.09 -0.74 -18.99
N MET A 274 -11.99 -1.11 -19.68
CA MET A 274 -11.10 -0.15 -20.33
C MET A 274 -11.74 0.36 -21.61
N GLU A 275 -12.52 -0.50 -22.21
CA GLU A 275 -13.26 -0.13 -23.37
C GLU A 275 -14.39 0.86 -23.05
N TRP A 276 -15.09 0.64 -21.93
CA TRP A 276 -16.06 1.61 -21.39
C TRP A 276 -15.40 2.96 -21.13
N LEU A 277 -14.22 2.88 -20.55
CA LEU A 277 -13.51 4.07 -20.18
C LEU A 277 -13.05 4.84 -21.43
N ASP A 278 -12.67 4.08 -22.48
CA ASP A 278 -12.32 4.68 -23.75
C ASP A 278 -13.50 5.49 -24.30
N LYS A 279 -14.74 5.21 -23.92
CA LYS A 279 -15.83 5.94 -24.53
C LYS A 279 -16.13 7.24 -23.74
N GLN A 280 -15.51 7.45 -22.58
CA GLN A 280 -15.86 8.61 -21.76
C GLN A 280 -15.07 9.88 -22.14
N PRO A 281 -15.60 11.09 -21.88
CA PRO A 281 -14.81 12.28 -22.10
C PRO A 281 -13.58 12.44 -21.14
N PRO A 282 -12.62 13.24 -21.54
CA PRO A 282 -11.37 13.40 -20.81
C PRO A 282 -11.58 13.86 -19.35
N ARG A 283 -10.94 13.24 -18.39
CA ARG A 283 -11.10 13.63 -16.95
C ARG A 283 -12.53 13.65 -16.41
N SER A 284 -13.39 12.86 -16.97
CA SER A 284 -14.77 12.84 -16.54
C SER A 284 -15.08 11.76 -15.44
N VAL A 285 -14.28 10.72 -15.36
CA VAL A 285 -14.62 9.55 -14.57
C VAL A 285 -14.05 9.51 -13.18
N VAL A 286 -14.90 9.17 -12.21
CA VAL A 286 -14.44 8.87 -10.87
C VAL A 286 -14.18 7.36 -10.70
N LEU A 287 -12.94 6.95 -10.47
CA LEU A 287 -12.63 5.59 -9.99
C LEU A 287 -12.94 5.46 -8.49
N VAL A 288 -13.58 4.38 -8.08
CA VAL A 288 -13.96 4.23 -6.67
C VAL A 288 -13.52 2.82 -6.29
N SER A 289 -12.68 2.78 -5.26
CA SER A 289 -12.23 1.52 -4.70
C SER A 289 -11.88 1.67 -3.20
N TYR A 290 -12.28 0.70 -2.38
CA TYR A 290 -11.97 0.68 -0.95
C TYR A 290 -10.97 -0.42 -0.60
N GLY A 291 -10.37 -1.03 -1.60
CA GLY A 291 -9.23 -1.88 -1.34
C GLY A 291 -9.61 -3.35 -1.32
N THR A 292 -8.64 -4.16 -0.93
CA THR A 292 -8.79 -5.61 -0.99
C THR A 292 -9.20 -6.16 0.39
N VAL A 293 -8.95 -5.43 1.47
CA VAL A 293 -9.12 -5.99 2.80
C VAL A 293 -10.43 -5.62 3.47
N SER A 294 -10.67 -4.32 3.59
CA SER A 294 -11.83 -3.79 4.31
C SER A 294 -13.14 -4.29 3.76
N THR A 295 -14.10 -4.45 4.65
CA THR A 295 -15.46 -4.85 4.25
C THR A 295 -16.37 -3.71 4.61
N PHE A 296 -17.38 -3.52 3.76
CA PHE A 296 -18.42 -2.51 3.97
C PHE A 296 -19.72 -3.26 4.23
N ASP A 297 -20.55 -2.79 5.15
CA ASP A 297 -21.85 -3.44 5.38
C ASP A 297 -22.85 -2.87 4.36
N VAL A 298 -24.04 -3.44 4.31
CA VAL A 298 -25.03 -3.01 3.34
C VAL A 298 -25.29 -1.48 3.43
N ALA A 299 -25.58 -0.91 4.60
CA ALA A 299 -25.89 0.54 4.67
C ALA A 299 -24.74 1.44 4.15
N LYS A 300 -23.52 0.98 4.34
CA LYS A 300 -22.37 1.77 4.01
C LYS A 300 -22.17 1.77 2.47
N LEU A 301 -22.43 0.62 1.86
CA LEU A 301 -22.44 0.49 0.45
C LEU A 301 -23.54 1.30 -0.15
N GLU A 302 -24.67 1.38 0.58
CA GLU A 302 -25.78 2.16 0.12
C GLU A 302 -25.43 3.67 0.09
N GLU A 303 -24.79 4.18 1.08
CA GLU A 303 -24.43 5.61 1.09
C GLU A 303 -23.39 5.94 0.00
N LEU A 304 -22.44 5.01 -0.18
CA LEU A 304 -21.32 5.19 -1.10
C LEU A 304 -21.86 5.20 -2.52
N GLY A 305 -22.64 4.20 -2.84
CA GLY A 305 -23.22 4.10 -4.19
C GLY A 305 -24.27 5.12 -4.54
N ASN A 306 -25.16 5.45 -3.61
CA ASN A 306 -26.06 6.60 -3.88
C ASN A 306 -25.31 7.91 -4.06
N GLY A 307 -24.34 8.15 -3.20
CA GLY A 307 -23.45 9.28 -3.41
C GLY A 307 -22.84 9.36 -4.80
N LEU A 308 -22.37 8.25 -5.29
CA LEU A 308 -21.83 8.21 -6.62
C LEU A 308 -22.88 8.57 -7.65
N CYS A 309 -24.05 7.94 -7.54
CA CYS A 309 -25.12 8.25 -8.53
C CYS A 309 -25.54 9.72 -8.44
N ASN A 310 -25.60 10.25 -7.22
CA ASN A 310 -26.11 11.60 -7.02
C ASN A 310 -25.12 12.65 -7.57
N SER A 311 -23.84 12.29 -7.71
CA SER A 311 -22.80 13.23 -8.15
C SER A 311 -22.98 13.56 -9.59
N GLY A 312 -23.73 12.72 -10.31
CA GLY A 312 -23.92 12.96 -11.72
C GLY A 312 -22.71 12.70 -12.63
N LYS A 313 -21.59 12.23 -12.08
CA LYS A 313 -20.39 11.88 -12.83
C LYS A 313 -20.48 10.40 -13.27
N PRO A 314 -19.89 10.09 -14.41
CA PRO A 314 -19.47 8.72 -14.67
C PRO A 314 -18.48 8.19 -13.62
N PHE A 315 -18.59 6.91 -13.31
CA PHE A 315 -17.81 6.28 -12.29
C PHE A 315 -17.60 4.80 -12.58
N LEU A 316 -16.40 4.30 -12.23
CA LEU A 316 -16.01 2.89 -12.30
C LEU A 316 -15.84 2.48 -10.86
N TRP A 317 -16.77 1.66 -10.36
CA TRP A 317 -16.85 1.33 -8.99
C TRP A 317 -16.44 -0.13 -8.86
N VAL A 318 -15.34 -0.35 -8.13
CA VAL A 318 -14.82 -1.64 -7.85
C VAL A 318 -15.49 -2.17 -6.58
N VAL A 319 -16.29 -3.21 -6.76
CA VAL A 319 -16.92 -3.95 -5.68
C VAL A 319 -16.54 -5.43 -5.85
N ARG A 320 -15.71 -5.89 -4.91
CA ARG A 320 -15.11 -7.23 -4.97
C ARG A 320 -16.15 -8.32 -5.04
N SER A 321 -15.75 -9.46 -5.57
CA SER A 321 -16.65 -10.60 -5.63
C SER A 321 -17.18 -10.95 -4.23
N ASN A 322 -16.32 -11.01 -3.24
CA ASN A 322 -16.75 -11.42 -1.92
C ASN A 322 -17.57 -10.34 -1.22
N GLU A 323 -17.84 -9.21 -1.89
CA GLU A 323 -18.67 -8.14 -1.30
C GLU A 323 -19.94 -7.90 -2.13
N GLU A 324 -19.97 -8.33 -3.36
CA GLU A 324 -21.06 -7.88 -4.22
C GLU A 324 -22.49 -8.37 -3.87
N HIS A 325 -22.60 -9.43 -3.09
CA HIS A 325 -23.90 -9.92 -2.62
C HIS A 325 -24.59 -8.89 -1.70
N LYS A 326 -23.82 -7.95 -1.14
CA LYS A 326 -24.40 -6.86 -0.34
C LYS A 326 -25.04 -5.78 -1.22
N LEU A 327 -24.93 -5.90 -2.52
CA LEU A 327 -25.40 -4.83 -3.39
C LEU A 327 -26.82 -5.18 -3.85
N SER A 328 -27.78 -4.32 -3.50
CA SER A 328 -29.17 -4.51 -3.86
C SER A 328 -29.31 -4.39 -5.34
N VAL A 329 -30.36 -5.00 -5.86
CA VAL A 329 -30.73 -4.85 -7.27
C VAL A 329 -31.07 -3.39 -7.61
N GLN A 330 -31.86 -2.75 -6.77
CA GLN A 330 -32.17 -1.35 -6.99
C GLN A 330 -30.89 -0.45 -7.16
N LEU A 331 -29.96 -0.60 -6.25
CA LEU A 331 -28.79 0.28 -6.29
C LEU A 331 -27.96 0.04 -7.55
N ARG A 332 -27.77 -1.23 -7.82
CA ARG A 332 -27.19 -1.70 -9.04
C ARG A 332 -27.86 -1.12 -10.28
N LYS A 333 -29.17 -1.13 -10.35
CA LYS A 333 -29.86 -0.50 -11.48
C LYS A 333 -29.64 1.02 -11.53
N LYS A 334 -29.61 1.66 -10.39
CA LYS A 334 -29.34 3.13 -10.36
C LYS A 334 -27.92 3.45 -10.94
N CYS A 335 -26.96 2.62 -10.58
CA CYS A 335 -25.56 2.72 -11.07
C CYS A 335 -25.41 2.51 -12.57
N GLU A 336 -26.42 1.95 -13.23
CA GLU A 336 -26.37 1.69 -14.69
C GLU A 336 -26.51 2.91 -15.52
N LYS A 337 -27.06 3.95 -14.97
CA LYS A 337 -27.27 5.12 -15.80
C LYS A 337 -25.93 5.66 -16.34
N ARG A 338 -24.92 5.76 -15.49
CA ARG A 338 -23.60 6.23 -15.96
C ARG A 338 -22.41 5.71 -15.29
N GLY A 339 -22.62 4.69 -14.50
CA GLY A 339 -21.54 3.96 -13.89
C GLY A 339 -21.33 2.56 -14.43
N LEU A 340 -20.29 1.92 -13.96
CA LEU A 340 -20.02 0.53 -14.27
C LEU A 340 -19.46 -0.01 -12.96
N ILE A 341 -19.99 -1.12 -12.51
CA ILE A 341 -19.51 -1.81 -11.33
C ILE A 341 -18.72 -3.04 -11.79
N VAL A 342 -17.49 -3.20 -11.31
CA VAL A 342 -16.69 -4.39 -11.63
C VAL A 342 -16.05 -5.02 -10.39
N PRO A 343 -15.65 -6.30 -10.49
CA PRO A 343 -15.08 -6.96 -9.32
C PRO A 343 -13.62 -6.64 -9.09
N PHE A 344 -12.92 -6.20 -10.13
CA PHE A 344 -11.49 -5.95 -10.11
C PHE A 344 -11.25 -5.12 -11.35
N CYS A 345 -10.32 -4.16 -11.29
CA CYS A 345 -9.84 -3.51 -12.52
C CYS A 345 -8.31 -3.44 -12.57
N PRO A 346 -7.75 -3.12 -13.75
CA PRO A 346 -6.31 -2.95 -13.83
C PRO A 346 -6.05 -1.49 -13.42
N GLN A 347 -5.84 -1.30 -12.12
CA GLN A 347 -6.05 0.01 -11.55
C GLN A 347 -5.01 1.00 -12.07
N LEU A 348 -3.79 0.56 -12.28
CA LEU A 348 -2.77 1.44 -12.87
C LEU A 348 -3.16 1.95 -14.26
N GLU A 349 -3.61 1.01 -15.07
CA GLU A 349 -4.07 1.32 -16.39
C GLU A 349 -5.24 2.30 -16.33
N VAL A 350 -6.17 2.12 -15.41
CA VAL A 350 -7.26 3.06 -15.28
C VAL A 350 -6.76 4.42 -14.84
N LEU A 351 -5.87 4.45 -13.86
CA LEU A 351 -5.39 5.73 -13.35
C LEU A 351 -4.61 6.49 -14.42
N ALA A 352 -3.92 5.78 -15.34
CA ALA A 352 -3.19 6.44 -16.47
C ALA A 352 -4.14 6.87 -17.65
N HIS A 353 -5.37 6.43 -17.63
CA HIS A 353 -6.27 6.69 -18.73
C HIS A 353 -6.74 8.15 -18.76
N LYS A 354 -6.78 8.73 -19.94
CA LYS A 354 -7.24 10.10 -20.15
C LYS A 354 -8.63 10.44 -19.64
N ALA A 355 -9.52 9.49 -19.56
CA ALA A 355 -10.85 9.72 -19.04
C ALA A 355 -10.99 9.91 -17.51
N THR A 356 -10.00 9.44 -16.78
CA THR A 356 -10.07 9.41 -15.36
C THR A 356 -9.81 10.78 -14.78
N GLY A 357 -10.79 11.29 -14.04
CA GLY A 357 -10.72 12.62 -13.41
C GLY A 357 -10.39 12.71 -11.92
N CYS A 358 -10.70 11.68 -11.16
CA CYS A 358 -10.33 11.62 -9.76
C CYS A 358 -10.59 10.22 -9.21
N PHE A 359 -10.02 9.95 -8.04
CA PHE A 359 -9.99 8.69 -7.44
C PHE A 359 -10.52 8.80 -6.02
N LEU A 360 -11.67 8.18 -5.80
CA LEU A 360 -12.27 8.08 -4.46
C LEU A 360 -11.75 6.76 -3.89
N SER A 361 -10.85 6.90 -2.94
CA SER A 361 -9.98 5.81 -2.50
C SER A 361 -9.93 5.72 -0.96
N HIS A 362 -9.82 4.51 -0.42
CA HIS A 362 -9.49 4.36 1.01
C HIS A 362 -8.08 4.88 1.41
N CYS A 363 -7.26 5.20 0.40
CA CYS A 363 -5.89 5.74 0.58
C CYS A 363 -5.02 4.80 1.32
N GLY A 364 -5.14 3.50 0.98
CA GLY A 364 -4.05 2.59 1.15
C GLY A 364 -2.85 3.18 0.45
N TRP A 365 -1.66 2.78 0.89
CA TRP A 365 -0.44 3.41 0.39
C TRP A 365 -0.20 3.11 -1.04
N ASN A 366 -0.40 1.86 -1.44
CA ASN A 366 -0.22 1.48 -2.87
C ASN A 366 -1.10 2.24 -3.80
N SER A 367 -2.36 2.41 -3.41
CA SER A 367 -3.32 3.22 -4.16
C SER A 367 -2.97 4.67 -4.27
N THR A 368 -2.45 5.20 -3.18
CA THR A 368 -2.13 6.61 -3.11
C THR A 368 -0.91 6.84 -4.02
N LEU A 369 0.08 5.99 -3.96
CA LEU A 369 1.25 6.15 -4.83
C LEU A 369 0.90 6.01 -6.30
N GLU A 370 0.00 5.10 -6.63
CA GLU A 370 -0.49 4.99 -8.00
C GLU A 370 -1.21 6.20 -8.50
N ALA A 371 -1.95 6.86 -7.61
CA ALA A 371 -2.64 8.10 -7.98
C ALA A 371 -1.59 9.19 -8.23
N ILE A 372 -0.62 9.27 -7.31
CA ILE A 372 0.41 10.29 -7.42
C ILE A 372 1.19 10.10 -8.76
N VAL A 373 1.55 8.88 -9.14
CA VAL A 373 2.38 8.68 -10.32
C VAL A 373 1.60 8.99 -11.58
N ASN A 374 0.26 8.92 -11.48
CA ASN A 374 -0.59 9.28 -12.59
C ASN A 374 -1.12 10.71 -12.52
N GLY A 375 -0.77 11.46 -11.47
CA GLY A 375 -1.32 12.79 -11.32
C GLY A 375 -2.82 12.87 -11.18
N VAL A 376 -3.41 11.94 -10.44
CA VAL A 376 -4.86 11.87 -10.27
C VAL A 376 -5.28 12.40 -8.89
N PRO A 377 -6.13 13.42 -8.88
CA PRO A 377 -6.54 13.95 -7.57
C PRO A 377 -7.40 12.94 -6.81
N LEU A 378 -7.44 13.06 -5.48
CA LEU A 378 -8.03 12.09 -4.61
C LEU A 378 -9.18 12.62 -3.79
N VAL A 379 -10.18 11.74 -3.60
CA VAL A 379 -11.11 11.84 -2.46
C VAL A 379 -10.81 10.68 -1.54
N ALA A 380 -10.46 11.04 -0.32
CA ALA A 380 -9.92 10.07 0.60
C ALA A 380 -11.04 9.61 1.53
N MET A 381 -11.19 8.32 1.68
CA MET A 381 -12.07 7.78 2.65
C MET A 381 -11.40 6.68 3.43
N PRO A 382 -10.59 7.06 4.41
CA PRO A 382 -9.79 6.12 5.12
C PRO A 382 -10.60 5.22 6.07
N HIS A 383 -10.12 4.02 6.26
CA HIS A 383 -10.70 3.13 7.29
C HIS A 383 -9.74 3.01 8.50
N TRP A 384 -8.51 2.51 8.30
CA TRP A 384 -7.60 2.25 9.41
C TRP A 384 -6.14 2.09 8.95
N ALA A 385 -5.30 1.47 9.79
CA ALA A 385 -3.89 1.26 9.49
C ALA A 385 -3.23 2.62 9.21
N ASP A 386 -2.67 2.77 8.02
CA ASP A 386 -1.98 4.01 7.67
C ASP A 386 -2.91 5.00 6.96
N GLN A 387 -4.15 4.62 6.72
CA GLN A 387 -5.04 5.43 5.85
C GLN A 387 -5.46 6.77 6.45
N PRO A 388 -5.80 6.81 7.75
CA PRO A 388 -6.10 8.14 8.29
C PRO A 388 -4.93 9.12 8.19
N THR A 389 -3.70 8.69 8.41
CA THR A 389 -2.58 9.57 8.31
C THR A 389 -2.30 9.96 6.87
N ILE A 390 -2.28 8.98 5.99
CA ILE A 390 -2.14 9.29 4.59
C ILE A 390 -3.16 10.35 4.14
N SER A 391 -4.41 10.19 4.55
CA SER A 391 -5.51 11.09 4.14
C SER A 391 -5.27 12.54 4.58
N LYS A 392 -4.72 12.67 5.78
CA LYS A 392 -4.34 13.98 6.27
C LYS A 392 -3.20 14.59 5.42
N TYR A 393 -2.18 13.81 5.07
CA TYR A 393 -1.15 14.33 4.16
C TYR A 393 -1.76 14.79 2.79
N VAL A 394 -2.67 13.98 2.26
CA VAL A 394 -3.32 14.24 0.96
C VAL A 394 -3.94 15.63 1.00
N GLU A 395 -4.70 15.86 2.06
CA GLU A 395 -5.49 17.06 2.21
C GLU A 395 -4.67 18.27 2.64
N SER A 396 -3.69 18.10 3.51
CA SER A 396 -3.04 19.29 4.10
C SER A 396 -1.65 19.53 3.48
N LEU A 397 -0.73 18.63 3.59
CA LEU A 397 0.58 18.93 3.05
C LEU A 397 0.69 18.80 1.52
N TRP A 398 0.21 17.70 0.93
CA TRP A 398 0.28 17.49 -0.51
C TRP A 398 -0.73 18.29 -1.29
N GLY A 399 -1.89 18.56 -0.72
CA GLY A 399 -2.89 19.45 -1.33
C GLY A 399 -3.51 18.82 -2.59
N MET A 400 -3.55 17.50 -2.69
CA MET A 400 -3.98 16.87 -3.92
C MET A 400 -5.37 16.33 -3.83
N GLY A 401 -6.09 16.65 -2.76
CA GLY A 401 -7.41 16.15 -2.62
C GLY A 401 -8.06 16.53 -1.34
N VAL A 402 -9.20 15.91 -1.06
CA VAL A 402 -9.94 16.24 0.14
C VAL A 402 -10.34 14.94 0.80
N ARG A 403 -10.62 15.01 2.10
CA ARG A 403 -11.02 13.86 2.88
C ARG A 403 -12.50 13.99 3.21
N VAL A 404 -13.24 12.88 3.14
CA VAL A 404 -14.60 12.88 3.57
C VAL A 404 -14.73 13.02 5.08
N GLN A 405 -15.68 13.84 5.50
CA GLN A 405 -15.97 14.12 6.89
C GLN A 405 -17.10 13.18 7.34
N LEU A 406 -16.84 12.37 8.34
CA LEU A 406 -17.86 11.47 8.87
C LEU A 406 -18.75 12.31 9.76
N ASP A 407 -20.03 11.92 9.87
CA ASP A 407 -20.94 12.62 10.78
C ASP A 407 -20.58 12.33 12.25
N LYS A 408 -21.37 12.91 13.14
CA LYS A 408 -21.08 12.93 14.57
C LYS A 408 -20.95 11.53 15.20
N SER A 409 -21.69 10.57 14.66
CA SER A 409 -21.63 9.21 15.13
C SER A 409 -20.75 8.28 14.29
N GLY A 410 -19.81 8.80 13.48
CA GLY A 410 -18.92 7.88 12.69
C GLY A 410 -19.46 7.39 11.32
N ILE A 411 -20.55 7.94 10.83
CA ILE A 411 -21.14 7.40 9.60
C ILE A 411 -20.88 8.33 8.42
N LEU A 412 -20.55 7.68 7.31
CA LEU A 412 -20.36 8.37 6.05
C LEU A 412 -21.70 8.50 5.37
N GLN A 413 -22.14 9.71 5.15
CA GLN A 413 -23.41 9.99 4.45
C GLN A 413 -23.25 10.20 2.93
N ARG A 414 -24.27 9.87 2.18
CA ARG A 414 -24.27 10.02 0.76
C ARG A 414 -24.09 11.47 0.31
N GLU A 415 -24.54 12.41 1.11
CA GLU A 415 -24.33 13.80 0.81
C GLU A 415 -22.86 14.22 0.92
N GLU A 416 -22.14 13.68 1.87
CA GLU A 416 -20.73 13.92 2.00
C GLU A 416 -19.94 13.31 0.85
N VAL A 417 -20.28 12.10 0.44
CA VAL A 417 -19.63 11.45 -0.69
C VAL A 417 -19.79 12.29 -1.96
N GLU A 418 -21.02 12.66 -2.22
CA GLU A 418 -21.33 13.53 -3.33
C GLU A 418 -20.64 14.90 -3.22
N ARG A 419 -20.65 15.52 -2.05
CA ARG A 419 -20.05 16.84 -1.93
C ARG A 419 -18.54 16.82 -2.24
N CYS A 420 -17.87 15.76 -1.86
CA CYS A 420 -16.44 15.67 -2.02
C CYS A 420 -16.07 15.40 -3.45
N ILE A 421 -16.86 14.58 -4.12
CA ILE A 421 -16.63 14.33 -5.54
C ILE A 421 -16.73 15.65 -6.32
N ARG A 422 -17.80 16.36 -6.09
CA ARG A 422 -18.02 17.60 -6.74
C ARG A 422 -17.03 18.64 -6.32
N GLU A 423 -16.59 18.65 -5.03
CA GLU A 423 -15.53 19.56 -4.58
C GLU A 423 -14.24 19.37 -5.39
N VAL A 424 -13.82 18.15 -5.65
CA VAL A 424 -12.59 17.86 -6.40
C VAL A 424 -12.71 18.10 -7.90
N MET A 425 -13.83 17.75 -8.47
CA MET A 425 -14.07 17.90 -9.89
C MET A 425 -14.64 19.24 -10.36
N ASP A 426 -15.39 19.98 -9.53
CA ASP A 426 -15.97 21.27 -9.94
C ASP A 426 -15.67 22.43 -9.00
N GLY A 427 -15.02 22.16 -7.90
CA GLY A 427 -14.68 23.21 -6.89
C GLY A 427 -13.95 24.45 -7.43
N ASP A 428 -13.97 25.51 -6.61
CA ASP A 428 -13.13 26.68 -6.84
C ASP A 428 -11.71 26.25 -6.64
N ARG A 429 -11.46 25.23 -5.84
CA ARG A 429 -10.12 24.67 -5.75
C ARG A 429 -9.83 23.47 -6.61
N LYS A 430 -10.66 23.24 -7.61
CA LYS A 430 -10.44 22.14 -8.54
C LYS A 430 -8.98 22.15 -9.04
N GLU A 431 -8.52 23.33 -9.41
CA GLU A 431 -7.21 23.49 -9.98
C GLU A 431 -6.10 23.35 -8.97
N ASP A 432 -6.34 23.71 -7.73
CA ASP A 432 -5.31 23.47 -6.72
C ASP A 432 -4.98 21.95 -6.61
N TYR A 433 -6.01 21.07 -6.64
CA TYR A 433 -5.81 19.61 -6.40
C TYR A 433 -5.09 19.04 -7.57
N ARG A 434 -5.48 19.51 -8.73
CA ARG A 434 -4.84 19.06 -9.95
C ARG A 434 -3.37 19.55 -10.04
N ARG A 435 -3.16 20.81 -9.73
CA ARG A 435 -1.79 21.38 -9.76
C ARG A 435 -0.86 20.55 -8.85
N ASN A 436 -1.29 20.26 -7.62
CA ASN A 436 -0.46 19.50 -6.73
C ASN A 436 -0.22 18.05 -7.15
N ALA A 437 -1.26 17.38 -7.67
CA ALA A 437 -1.11 16.04 -8.12
C ALA A 437 -0.13 15.96 -9.29
N THR A 438 -0.18 16.96 -10.18
CA THR A 438 0.73 16.99 -11.32
C THR A 438 2.11 17.24 -10.84
N ARG A 439 2.24 18.12 -9.84
CA ARG A 439 3.56 18.47 -9.35
C ARG A 439 4.23 17.25 -8.73
N LEU A 440 3.47 16.56 -7.91
CA LEU A 440 3.98 15.40 -7.27
C LEU A 440 4.21 14.23 -8.25
N MET A 441 3.37 14.12 -9.30
CA MET A 441 3.62 13.09 -10.36
C MET A 441 5.06 13.23 -10.88
N LYS A 442 5.44 14.46 -11.20
CA LYS A 442 6.75 14.69 -11.77
C LYS A 442 7.91 14.41 -10.86
N LYS A 443 7.79 14.77 -9.59
CA LYS A 443 8.80 14.39 -8.63
C LYS A 443 8.93 12.89 -8.39
N ALA A 444 7.82 12.17 -8.49
CA ALA A 444 7.79 10.72 -8.33
C ALA A 444 8.53 10.05 -9.47
N LYS A 445 8.30 10.55 -10.70
CA LYS A 445 9.02 10.02 -11.85
C LYS A 445 10.52 10.32 -11.78
N GLU A 446 10.87 11.57 -11.52
CA GLU A 446 12.26 11.90 -11.28
C GLU A 446 12.96 10.97 -10.26
N SER A 447 12.31 10.65 -9.13
CA SER A 447 12.94 9.87 -8.09
C SER A 447 13.33 8.51 -8.60
N MET A 448 12.53 7.96 -9.51
CA MET A 448 12.78 6.60 -9.98
C MET A 448 13.57 6.51 -11.32
N GLN A 449 13.79 7.65 -11.97
CA GLN A 449 14.66 7.70 -13.15
C GLN A 449 16.09 7.67 -12.72
N GLU A 450 16.95 7.33 -13.68
CA GLU A 450 18.34 7.30 -13.43
C GLU A 450 18.84 8.57 -12.80
N GLY A 451 19.68 8.43 -11.77
CA GLY A 451 20.12 9.60 -10.97
C GLY A 451 19.12 10.10 -9.91
N GLY A 452 17.87 9.64 -9.93
CA GLY A 452 16.93 10.11 -8.85
C GLY A 452 17.26 9.55 -7.49
N SER A 453 16.64 10.10 -6.46
CA SER A 453 16.96 9.76 -5.11
C SER A 453 16.64 8.29 -4.80
N SER A 454 15.55 7.75 -5.35
CA SER A 454 15.16 6.36 -5.02
C SER A 454 16.01 5.41 -5.86
N ASP A 455 16.15 5.74 -7.13
CA ASP A 455 17.01 4.97 -8.05
C ASP A 455 18.41 4.79 -7.52
N LYS A 456 18.98 5.81 -6.93
CA LYS A 456 20.30 5.67 -6.35
C LYS A 456 20.36 4.63 -5.21
N ASN A 457 19.33 4.61 -4.37
CA ASN A 457 19.35 3.64 -3.32
C ASN A 457 19.15 2.23 -3.86
N ILE A 458 18.40 2.12 -4.94
CA ILE A 458 18.20 0.81 -5.50
C ILE A 458 19.56 0.35 -6.06
N ALA A 459 20.24 1.19 -6.81
CA ALA A 459 21.49 0.78 -7.41
C ALA A 459 22.60 0.43 -6.37
N GLU A 460 22.63 1.12 -5.27
CA GLU A 460 23.51 0.83 -4.17
C GLU A 460 23.24 -0.59 -3.61
N PHE A 461 21.98 -0.91 -3.43
CA PHE A 461 21.60 -2.22 -2.86
C PHE A 461 22.00 -3.29 -3.82
N ALA A 462 21.65 -3.08 -5.08
CA ALA A 462 22.04 -3.99 -6.11
C ALA A 462 23.54 -4.31 -6.12
N ALA A 463 24.37 -3.30 -5.96
CA ALA A 463 25.79 -3.49 -6.02
C ALA A 463 26.29 -4.26 -4.83
N LYS A 464 25.76 -3.93 -3.69
CA LYS A 464 26.07 -4.59 -2.45
C LYS A 464 25.95 -6.11 -2.50
N TYR A 465 25.00 -6.60 -3.26
CA TYR A 465 24.68 -7.99 -3.28
C TYR A 465 24.97 -8.65 -4.57
N SER A 466 25.83 -8.04 -5.37
CA SER A 466 26.24 -8.66 -6.61
C SER A 466 27.74 -8.76 -6.65
C1 U2F B . -3.22 -2.58 2.43
O1 U2F B . -3.67 -1.99 1.21
PB U2F B . -4.65 -2.72 0.21
O1B U2F B . -6.01 -2.89 0.81
O2B U2F B . -3.51 -3.74 -0.13
O3A U2F B . -4.89 -1.51 -0.80
PA U2F B . -3.71 -0.66 -1.45
O1A U2F B . -2.57 -0.26 -0.62
O2A U2F B . -4.42 0.47 -2.14
O5' U2F B . -3.28 -1.78 -2.53
C5' U2F B . -4.23 -2.31 -3.51
C4' U2F B . -3.34 -2.85 -4.64
O4' U2F B . -4.13 -3.72 -5.50
C1' U2F B . -4.24 -3.14 -6.81
C2' U2F B . -3.93 -1.65 -6.63
C3' U2F B . -2.88 -1.68 -5.54
O3' U2F B . -1.65 -1.99 -6.20
O2' U2F B . -3.45 -1.11 -7.82
N1 U2F B . -5.63 -3.29 -7.22
C6' U2F B . -5.93 -3.54 -8.58
O6' U2F B . -5.05 -3.62 -9.43
N3 U2F B . -7.18 -3.69 -9.00
C7' U2F B . -8.17 -3.65 -8.12
O7' U2F B . -9.32 -3.81 -8.58
C8' U2F B . -7.95 -3.37 -6.73
C9' U2F B . -6.61 -3.18 -6.30
C2 U2F B . -3.75 -1.65 3.51
F1 U2F B . -5.11 -1.58 3.35
C3 U2F B . -3.06 -0.28 3.36
O3 U2F B . -3.50 0.59 4.43
C4 U2F B . -1.51 -0.38 3.29
O4 U2F B . -0.88 0.87 2.96
C5 U2F B . -1.06 -1.46 2.27
C6 U2F B . 0.44 -1.78 2.34
O6 U2F B . 0.87 -2.17 3.66
O5 U2F B . -1.79 -2.66 2.50
C20 7E0 C . -4.92 -9.26 7.83
C13 7E0 C . -3.75 -8.35 7.57
C12 7E0 C . -2.69 -8.24 8.64
C11 7E0 C . -1.40 -7.68 8.08
C14 7E0 C . -3.67 -7.66 6.42
C15 7E0 C . -2.53 -6.71 6.04
O3 7E0 C . -3.10 -5.52 5.43
C10 7E0 C . -1.54 -6.41 7.21
C19 7E0 C . -0.13 -6.31 6.61
C9 7E0 C . -1.96 -5.14 7.99
C18 7E0 C . -1.62 -5.11 9.47
C8 7E0 C . -1.49 -3.79 7.42
C7 7E0 C . -2.47 -3.39 6.32
C16 7E0 C . -3.44 -4.96 7.73
C6 7E0 C . -3.53 -4.47 6.30
C17 7E0 C . -4.61 -5.26 8.64
O6 7E0 C . -3.99 -3.99 8.61
#